data_2DBL
#
_entry.id   2DBL
#
_cell.length_a   134.760
_cell.length_b   134.760
_cell.length_c   124.210
_cell.angle_alpha   90.00
_cell.angle_beta   90.00
_cell.angle_gamma   120.00
#
_symmetry.space_group_name_H-M   'P 64 2 2'
#
loop_
_entity.id
_entity.type
_entity.pdbx_description
1 polymer 'IGG1-KAPPA DB3 FAB (LIGHT CHAIN)'
2 polymer 'IGG1-KAPPA DB3 FAB (HEAVY CHAIN)'
3 non-polymer 5-ALPHA-PREGNANE-3-BETA-OL-HEMISUCCINATE
#
loop_
_entity_poly.entity_id
_entity_poly.type
_entity_poly.pdbx_seq_one_letter_code
_entity_poly.pdbx_strand_id
1 'polypeptide(L)'
;DVVMTQIPLSLPVNLGDQASISCRSSQSLIHSNGNTYLHWYLQKPGQSPKLLMYKVSNRFYGVPDRFSGSGSGTDFTLKI
SRVEAEDLGIYFCSQSSHVPPTFGGGTKLEIKRADAAPTVSIFPPSSEQLTSGGASVVCFLNNFYPKDINVKWKIDGSER
QNGVLNSWTDQDSKDSTYSMSSTLTLTKDEYERHNSYTCEATHKTSTSPIVKSFNR
;
L
2 'polypeptide(L)'
;QIQLVQSGPELKKPGETVKISCKASGYAFTNYGVNWVKEAPGKELKWMGWINIYTGEPTYVDDFKGRFAFSLETSASTAY
LEINNLKNEDTATYFCTRGDYVNWYFDVWGAGTTVTVSSAKTTPPSVYPLAPGSAAQTNSMVTLGCLVKGYFPEPVTVTW
NSGSLSSGVHTFPAVLQSDLYTLSSSVTVPSSPRPSETVTCNVAHPASSTKVDKKIVPR
;
H
#
loop_
_chem_comp.id
_chem_comp.type
_chem_comp.name
_chem_comp.formula
S5H non-polymer 5-ALPHA-PREGNANE-3-BETA-OL-HEMISUCCINATE 'C25 H38 O5'
#
# COMPACT_ATOMS: atom_id res chain seq x y z
N ASP A 1 20.70 9.89 13.30
CA ASP A 1 19.41 10.40 12.79
C ASP A 1 18.37 10.31 13.87
N VAL A 2 17.62 11.39 14.07
CA VAL A 2 16.64 11.36 15.13
C VAL A 2 15.54 10.41 14.55
N VAL A 3 15.42 9.23 15.15
CA VAL A 3 14.43 8.26 14.75
C VAL A 3 13.11 8.51 15.42
N MET A 4 12.09 8.83 14.65
CA MET A 4 10.77 9.05 15.24
C MET A 4 10.13 7.69 15.31
N THR A 5 9.63 7.36 16.50
CA THR A 5 8.89 6.13 16.67
C THR A 5 7.54 6.51 17.16
N GLN A 6 6.52 6.20 16.40
CA GLN A 6 5.22 6.55 16.90
C GLN A 6 4.35 5.32 16.79
N ILE A 7 3.34 5.27 17.64
CA ILE A 7 2.45 4.14 17.69
C ILE A 7 1.16 4.72 18.19
N PRO A 8 0.07 4.00 18.02
CA PRO A 8 0.09 2.64 17.46
C PRO A 8 0.25 2.67 15.95
N LEU A 9 0.50 1.55 15.31
CA LEU A 9 0.54 1.51 13.86
C LEU A 9 -0.82 1.80 13.22
N SER A 10 -1.86 1.26 13.82
CA SER A 10 -3.26 1.44 13.40
C SER A 10 -4.08 1.96 14.56
N LEU A 11 -4.87 3.00 14.37
CA LEU A 11 -5.62 3.51 15.50
C LEU A 11 -7.03 3.32 15.00
N PRO A 12 -7.77 2.36 15.61
CA PRO A 12 -9.16 2.01 15.31
C PRO A 12 -10.01 3.01 16.02
N VAL A 13 -10.07 4.22 15.50
CA VAL A 13 -10.79 5.28 16.16
C VAL A 13 -12.22 4.97 15.87
N ASN A 14 -13.08 5.39 16.77
CA ASN A 14 -14.52 5.26 16.61
C ASN A 14 -14.87 6.64 16.12
N LEU A 15 -15.33 6.75 14.89
CA LEU A 15 -15.64 8.05 14.30
C LEU A 15 -16.43 8.87 15.29
N GLY A 16 -16.10 10.15 15.36
CA GLY A 16 -16.72 11.05 16.33
C GLY A 16 -16.01 11.27 17.64
N ASP A 17 -15.14 10.37 18.06
CA ASP A 17 -14.46 10.53 19.34
C ASP A 17 -13.22 11.39 19.20
N GLN A 18 -12.68 11.72 20.34
CA GLN A 18 -11.38 12.30 20.46
C GLN A 18 -10.38 11.16 20.24
N ALA A 19 -9.33 11.44 19.47
CA ALA A 19 -8.32 10.44 19.22
C ALA A 19 -6.98 11.12 19.50
N SER A 20 -6.01 10.33 19.98
CA SER A 20 -4.70 10.85 20.30
C SER A 20 -3.61 10.05 19.66
N ILE A 21 -2.75 10.72 18.92
CA ILE A 21 -1.66 10.04 18.26
C ILE A 21 -0.51 10.58 19.11
N SER A 22 0.47 9.75 19.33
CA SER A 22 1.63 10.20 20.03
C SER A 22 2.83 9.83 19.22
N CYS A 23 3.91 10.51 19.47
CA CYS A 23 5.10 10.38 18.65
C CYS A 23 6.26 10.66 19.58
N ARG A 24 7.38 9.95 19.42
CA ARG A 24 8.50 10.30 20.24
C ARG A 24 9.83 10.31 19.51
N SER A 25 10.71 11.21 19.97
CA SER A 25 12.03 11.43 19.40
C SER A 25 13.16 10.72 20.12
N SER A 26 14.22 10.40 19.37
CA SER A 26 15.41 9.75 19.93
C SER A 26 16.44 10.80 20.31
N GLN A 27 16.00 12.04 20.43
CA GLN A 27 16.86 13.18 20.71
C GLN A 27 15.92 14.29 21.14
N SER A 28 16.48 15.43 21.50
CA SER A 28 15.63 16.55 21.88
C SER A 28 15.49 17.25 20.53
N LEU A 29 14.28 17.77 20.31
CA LEU A 29 13.94 18.53 19.10
C LEU A 29 14.08 20.02 19.39
N ILE A 30 14.68 20.32 20.53
CA ILE A 30 14.91 21.69 21.01
C ILE A 30 16.19 22.24 20.31
N HIS A 31 16.04 23.24 19.45
CA HIS A 31 17.19 23.83 18.74
C HIS A 31 17.95 24.89 19.51
N SER A 32 19.22 25.10 19.11
CA SER A 32 20.05 26.19 19.66
C SER A 32 19.20 27.46 19.67
N ASN A 33 18.50 27.71 18.54
CA ASN A 33 17.70 28.95 18.36
C ASN A 33 16.59 29.01 19.41
N GLY A 34 16.55 28.03 20.30
CA GLY A 34 15.53 28.00 21.34
C GLY A 34 14.09 27.64 21.05
N ASN A 35 13.84 26.97 19.90
CA ASN A 35 12.52 26.47 19.48
C ASN A 35 12.53 25.00 19.09
N THR A 36 11.35 24.37 19.05
CA THR A 36 11.20 22.96 18.64
C THR A 36 10.58 22.81 17.25
N TYR A 37 11.28 22.17 16.32
CA TYR A 37 10.73 21.99 14.98
C TYR A 37 10.14 20.58 14.77
N LEU A 38 9.03 20.28 15.44
CA LEU A 38 8.34 19.00 15.22
C LEU A 38 7.11 19.33 14.39
N HIS A 39 6.95 18.66 13.27
CA HIS A 39 5.83 18.95 12.41
C HIS A 39 5.01 17.67 12.25
N TRP A 40 3.78 17.87 11.80
CA TRP A 40 2.79 16.83 11.59
C TRP A 40 2.09 16.71 10.24
N TYR A 41 2.36 15.66 9.51
CA TYR A 41 1.68 15.51 8.22
C TYR A 41 0.52 14.52 8.24
N LEU A 42 -0.38 14.66 7.27
CA LEU A 42 -1.50 13.78 7.06
C LEU A 42 -1.57 13.39 5.59
N GLN A 43 -1.54 12.08 5.31
CA GLN A 43 -1.54 11.57 3.94
C GLN A 43 -2.76 10.69 3.70
N LYS A 44 -3.77 11.22 3.02
CA LYS A 44 -4.96 10.42 2.73
C LYS A 44 -4.60 9.34 1.69
N PRO A 45 -5.36 8.23 1.63
CA PRO A 45 -5.05 7.16 0.66
C PRO A 45 -4.53 7.56 -0.71
N GLY A 46 -3.44 6.91 -1.11
CA GLY A 46 -2.83 7.10 -2.42
C GLY A 46 -2.72 8.58 -2.78
N GLN A 47 -1.94 9.32 -2.01
CA GLN A 47 -1.83 10.75 -2.24
C GLN A 47 -0.60 11.37 -1.63
N SER A 48 -0.48 12.67 -1.81
CA SER A 48 0.64 13.40 -1.31
C SER A 48 0.34 13.75 0.13
N PRO A 49 1.40 13.91 0.95
CA PRO A 49 1.26 14.30 2.36
C PRO A 49 0.82 15.74 2.40
N LYS A 50 0.20 16.14 3.49
CA LYS A 50 -0.22 17.50 3.67
C LYS A 50 0.37 18.08 4.96
N LEU A 51 0.71 19.37 5.02
CA LEU A 51 1.19 19.92 6.27
C LEU A 51 -0.10 20.12 7.03
N LEU A 52 -0.06 19.73 8.31
CA LEU A 52 -1.21 19.79 9.20
C LEU A 52 -0.87 20.82 10.28
N MET A 53 0.26 20.64 10.94
CA MET A 53 0.70 21.63 11.92
C MET A 53 2.20 21.68 12.13
N TYR A 54 2.68 22.85 12.54
CA TYR A 54 4.10 23.10 12.64
C TYR A 54 4.50 23.68 13.99
N LYS A 55 5.73 23.31 14.39
CA LYS A 55 6.38 23.70 15.63
C LYS A 55 5.57 23.23 16.82
N VAL A 56 5.38 21.91 16.85
CA VAL A 56 4.67 21.25 17.90
C VAL A 56 3.20 21.64 18.02
N SER A 57 2.92 22.91 18.23
CA SER A 57 1.54 23.36 18.34
C SER A 57 0.89 24.42 17.47
N ASN A 58 1.44 24.76 16.30
CA ASN A 58 0.76 25.73 15.41
C ASN A 58 0.03 25.16 14.18
N ARG A 59 -1.30 25.29 14.17
CA ARG A 59 -2.19 24.87 13.06
C ARG A 59 -1.80 25.56 11.75
N PHE A 60 -1.54 24.82 10.69
CA PHE A 60 -1.16 25.47 9.46
C PHE A 60 -2.48 25.98 8.91
N TYR A 61 -2.43 26.94 7.99
CA TYR A 61 -3.64 27.51 7.42
C TYR A 61 -4.55 26.44 6.84
N GLY A 62 -5.75 26.29 7.39
CA GLY A 62 -6.71 25.35 6.83
C GLY A 62 -7.20 24.37 7.88
N VAL A 63 -6.26 23.81 8.62
CA VAL A 63 -6.50 22.81 9.64
C VAL A 63 -7.53 23.35 10.65
N PRO A 64 -8.76 22.87 10.61
CA PRO A 64 -9.82 23.34 11.53
C PRO A 64 -9.37 23.17 12.97
N ASP A 65 -9.91 23.99 13.90
CA ASP A 65 -9.48 23.88 15.30
C ASP A 65 -9.81 22.60 16.02
N ARG A 66 -10.26 21.62 15.25
CA ARG A 66 -10.53 20.29 15.75
C ARG A 66 -9.16 19.65 16.02
N PHE A 67 -8.13 20.08 15.27
CA PHE A 67 -6.80 19.53 15.46
C PHE A 67 -6.10 20.37 16.50
N SER A 68 -5.34 19.67 17.36
CA SER A 68 -4.65 20.26 18.48
C SER A 68 -3.33 19.52 18.60
N GLY A 69 -2.27 20.20 19.05
CA GLY A 69 -0.93 19.60 19.12
C GLY A 69 -0.38 19.83 20.51
N SER A 70 0.74 19.20 20.91
CA SER A 70 1.17 19.30 22.29
C SER A 70 2.49 18.62 22.51
N GLY A 71 3.13 18.92 23.62
CA GLY A 71 4.35 18.21 23.96
C GLY A 71 5.55 19.12 24.12
N SER A 72 6.68 18.42 24.31
CA SER A 72 7.92 19.14 24.50
C SER A 72 9.11 18.20 24.61
N GLY A 73 10.33 18.73 24.38
CA GLY A 73 11.53 17.94 24.59
C GLY A 73 11.53 16.67 23.77
N THR A 74 10.83 15.62 24.24
CA THR A 74 10.79 14.39 23.45
C THR A 74 9.49 13.63 23.17
N ASP A 75 8.41 13.91 23.87
CA ASP A 75 7.18 13.20 23.58
C ASP A 75 6.18 14.15 22.96
N PHE A 76 5.48 13.74 21.90
CA PHE A 76 4.50 14.64 21.33
C PHE A 76 3.15 13.96 21.17
N THR A 77 2.11 14.75 20.91
CA THR A 77 0.80 14.19 20.80
C THR A 77 -0.16 15.03 20.00
N LEU A 78 -0.58 14.51 18.84
CA LEU A 78 -1.46 15.23 17.91
C LEU A 78 -2.81 14.78 18.49
N LYS A 79 -3.79 15.67 18.58
CA LYS A 79 -5.06 15.27 19.09
C LYS A 79 -6.22 15.86 18.30
N ILE A 80 -7.14 14.97 17.85
CA ILE A 80 -8.33 15.37 17.07
C ILE A 80 -9.56 15.35 18.00
N SER A 81 -10.16 16.49 18.24
CA SER A 81 -11.25 16.61 19.19
C SER A 81 -12.41 15.64 19.09
N ARG A 82 -13.05 15.68 17.93
CA ARG A 82 -14.19 14.83 17.59
C ARG A 82 -13.83 14.46 16.16
N VAL A 83 -13.40 13.21 15.93
CA VAL A 83 -12.95 12.78 14.59
C VAL A 83 -14.08 12.93 13.60
N GLU A 84 -13.72 13.07 12.32
CA GLU A 84 -14.67 13.16 11.22
C GLU A 84 -14.20 12.31 10.05
N ALA A 85 -15.10 11.67 9.32
CA ALA A 85 -14.70 10.85 8.17
C ALA A 85 -13.68 11.50 7.23
N GLU A 86 -13.84 12.81 6.99
CA GLU A 86 -12.92 13.58 6.15
C GLU A 86 -11.45 13.46 6.59
N ASP A 87 -11.21 13.29 7.89
CA ASP A 87 -9.84 13.24 8.35
C ASP A 87 -9.30 11.91 8.81
N LEU A 88 -9.40 10.92 7.92
CA LEU A 88 -8.87 9.58 8.18
C LEU A 88 -7.79 9.39 7.10
N GLY A 89 -6.75 8.64 7.44
CA GLY A 89 -5.64 8.40 6.55
C GLY A 89 -4.44 8.25 7.47
N ILE A 90 -3.24 8.11 6.92
CA ILE A 90 -2.03 7.84 7.72
C ILE A 90 -1.54 9.19 8.26
N TYR A 91 -0.83 9.18 9.40
CA TYR A 91 -0.22 10.37 10.02
C TYR A 91 1.23 10.24 10.32
N PHE A 92 1.99 11.26 9.97
CA PHE A 92 3.44 11.17 10.04
C PHE A 92 3.89 12.36 10.89
N CYS A 93 4.89 12.15 11.71
CA CYS A 93 5.48 13.22 12.48
C CYS A 93 6.90 13.21 11.94
N SER A 94 7.32 14.39 11.46
CA SER A 94 8.69 14.61 10.97
C SER A 94 9.17 15.75 11.79
N GLN A 95 10.45 15.75 12.13
CA GLN A 95 11.06 16.90 12.80
C GLN A 95 12.16 17.51 11.90
N SER A 96 12.29 18.82 11.89
CA SER A 96 13.26 19.44 11.03
C SER A 96 14.25 20.24 11.91
N SER A 97 14.73 19.69 13.03
CA SER A 97 15.62 20.43 13.91
C SER A 97 17.07 19.98 13.75
N HIS A 98 17.25 18.66 13.65
CA HIS A 98 18.59 18.14 13.43
C HIS A 98 18.61 17.80 11.97
N VAL A 99 19.77 17.38 11.49
CA VAL A 99 19.95 16.91 10.14
C VAL A 99 20.08 15.38 10.31
N PRO A 100 19.31 14.61 9.57
CA PRO A 100 18.29 15.09 8.65
C PRO A 100 16.88 15.08 9.35
N PRO A 101 15.91 15.64 8.58
CA PRO A 101 14.51 15.66 9.05
C PRO A 101 14.22 14.15 8.85
N THR A 102 13.89 13.45 9.93
CA THR A 102 13.61 12.07 9.75
C THR A 102 12.11 12.01 9.86
N PHE A 103 11.51 11.08 9.10
CA PHE A 103 10.06 10.89 9.27
C PHE A 103 10.13 9.56 9.94
N GLY A 104 9.27 9.32 10.90
CA GLY A 104 9.21 7.99 11.43
C GLY A 104 7.80 7.50 11.39
N GLY A 105 7.61 6.31 11.96
CA GLY A 105 6.30 5.76 12.18
C GLY A 105 5.32 5.72 11.02
N GLY A 106 4.06 6.02 11.33
CA GLY A 106 3.02 6.02 10.36
C GLY A 106 1.89 5.43 11.19
N THR A 107 1.01 6.30 11.63
CA THR A 107 -0.23 5.87 12.27
C THR A 107 -1.49 6.04 11.41
N LYS A 108 -2.13 4.94 11.00
CA LYS A 108 -3.32 5.12 10.16
C LYS A 108 -4.59 5.14 10.99
N LEU A 109 -5.48 6.07 10.71
CA LEU A 109 -6.73 6.16 11.45
C LEU A 109 -7.71 5.25 10.70
N GLU A 110 -8.24 4.23 11.37
CA GLU A 110 -9.15 3.28 10.74
C GLU A 110 -10.41 3.27 11.59
N ILE A 111 -11.50 2.64 11.10
CA ILE A 111 -12.73 2.59 11.87
C ILE A 111 -12.86 1.36 12.76
N LYS A 112 -13.60 1.51 13.84
CA LYS A 112 -13.80 0.44 14.80
C LYS A 112 -15.17 -0.21 14.66
N ARG A 113 -15.17 -1.55 14.63
CA ARG A 113 -16.39 -2.33 14.48
C ARG A 113 -16.42 -3.60 15.35
N ALA A 114 -17.62 -4.15 15.49
CA ALA A 114 -17.83 -5.38 16.23
C ALA A 114 -16.90 -6.43 15.62
N ASP A 115 -16.30 -7.27 16.44
CA ASP A 115 -15.39 -8.32 15.92
C ASP A 115 -16.06 -9.29 14.93
N ALA A 116 -15.35 -9.55 13.84
CA ALA A 116 -15.80 -10.46 12.81
C ALA A 116 -14.86 -11.61 12.57
N ALA A 117 -15.42 -12.77 12.31
CA ALA A 117 -14.64 -13.98 12.03
C ALA A 117 -14.71 -14.13 10.51
N PRO A 118 -13.67 -14.71 9.89
CA PRO A 118 -13.58 -14.90 8.45
C PRO A 118 -14.24 -16.05 7.71
N THR A 119 -14.98 -15.69 6.66
CA THR A 119 -15.65 -16.60 5.74
C THR A 119 -14.55 -17.32 4.90
N VAL A 120 -13.81 -18.24 5.53
CA VAL A 120 -12.71 -18.89 4.86
C VAL A 120 -13.06 -19.99 3.86
N SER A 121 -12.72 -19.70 2.60
CA SER A 121 -13.03 -20.57 1.47
C SER A 121 -11.69 -21.15 0.99
N ILE A 122 -11.75 -22.30 0.35
CA ILE A 122 -10.54 -22.96 -0.14
C ILE A 122 -10.84 -23.51 -1.54
N PHE A 123 -9.87 -23.36 -2.45
CA PHE A 123 -10.00 -23.77 -3.83
C PHE A 123 -8.82 -24.57 -4.36
N PRO A 124 -9.08 -25.72 -5.02
CA PRO A 124 -8.09 -26.63 -5.63
C PRO A 124 -7.72 -26.18 -7.05
N PRO A 125 -6.56 -26.61 -7.58
CA PRO A 125 -6.11 -26.21 -8.92
C PRO A 125 -7.02 -26.56 -10.08
N SER A 126 -7.48 -25.55 -10.81
CA SER A 126 -8.37 -25.73 -11.97
C SER A 126 -7.63 -26.51 -13.05
N SER A 127 -8.36 -27.35 -13.81
CA SER A 127 -7.78 -28.09 -14.92
C SER A 127 -6.73 -27.33 -15.70
N GLU A 128 -7.12 -26.15 -16.20
CA GLU A 128 -6.25 -25.27 -16.98
C GLU A 128 -4.82 -25.18 -16.50
N GLN A 129 -4.63 -24.94 -15.20
CA GLN A 129 -3.28 -24.78 -14.64
C GLN A 129 -2.54 -26.11 -14.54
N LEU A 130 -3.27 -27.18 -14.22
CA LEU A 130 -2.64 -28.49 -14.09
C LEU A 130 -2.10 -28.90 -15.43
N THR A 131 -2.88 -28.62 -16.48
CA THR A 131 -2.49 -28.95 -17.82
C THR A 131 -1.20 -28.25 -18.18
N SER A 132 -0.94 -27.08 -17.60
CA SER A 132 0.34 -26.39 -17.82
C SER A 132 1.38 -26.71 -16.75
N GLY A 133 1.06 -27.66 -15.89
CA GLY A 133 1.99 -28.10 -14.88
C GLY A 133 2.18 -27.29 -13.61
N GLY A 134 1.38 -26.22 -13.45
CA GLY A 134 1.49 -25.37 -12.29
C GLY A 134 0.44 -25.92 -11.33
N ALA A 135 0.50 -25.49 -10.06
CA ALA A 135 -0.52 -25.87 -9.07
C ALA A 135 -0.69 -24.75 -8.08
N SER A 136 -1.80 -24.04 -8.14
CA SER A 136 -2.01 -22.97 -7.17
C SER A 136 -3.24 -23.24 -6.31
N VAL A 137 -3.01 -23.35 -4.99
CA VAL A 137 -4.10 -23.65 -4.09
C VAL A 137 -4.40 -22.26 -3.53
N VAL A 138 -5.67 -21.96 -3.39
CA VAL A 138 -6.08 -20.64 -3.00
C VAL A 138 -7.10 -20.67 -1.86
N CYS A 139 -6.73 -20.02 -0.77
CA CYS A 139 -7.58 -19.90 0.38
C CYS A 139 -7.99 -18.45 0.55
N PHE A 140 -9.29 -18.20 0.60
CA PHE A 140 -9.83 -16.84 0.70
C PHE A 140 -10.40 -16.62 2.11
N LEU A 141 -9.65 -15.88 2.95
CA LEU A 141 -10.07 -15.58 4.32
C LEU A 141 -10.83 -14.29 4.11
N ASN A 142 -12.15 -14.33 4.25
CA ASN A 142 -12.97 -13.18 3.94
C ASN A 142 -13.75 -12.53 5.03
N ASN A 143 -13.99 -11.24 4.79
CA ASN A 143 -14.84 -10.40 5.63
C ASN A 143 -14.72 -10.45 7.15
N PHE A 144 -13.54 -10.16 7.67
CA PHE A 144 -13.33 -10.20 9.12
C PHE A 144 -12.61 -9.00 9.74
N TYR A 145 -12.76 -8.85 11.03
CA TYR A 145 -12.10 -7.80 11.80
C TYR A 145 -11.95 -8.46 13.15
N PRO A 146 -10.92 -8.11 13.92
CA PRO A 146 -9.86 -7.16 13.68
C PRO A 146 -8.80 -7.59 12.64
N LYS A 147 -8.20 -6.58 12.02
CA LYS A 147 -7.21 -6.71 10.97
C LYS A 147 -6.11 -7.80 11.02
N ASP A 148 -5.69 -8.28 12.18
CA ASP A 148 -4.60 -9.25 12.21
C ASP A 148 -5.27 -10.62 12.09
N ILE A 149 -4.54 -11.55 11.46
CA ILE A 149 -4.94 -12.94 11.28
C ILE A 149 -3.66 -13.75 10.97
N ASN A 150 -3.56 -14.96 11.52
CA ASN A 150 -2.38 -15.79 11.38
C ASN A 150 -2.84 -16.97 10.49
N VAL A 151 -2.14 -17.21 9.38
CA VAL A 151 -2.48 -18.30 8.44
C VAL A 151 -1.40 -19.41 8.41
N LYS A 152 -1.85 -20.67 8.45
CA LYS A 152 -0.97 -21.86 8.41
C LYS A 152 -1.39 -22.76 7.24
N TRP A 153 -0.44 -23.26 6.46
CA TRP A 153 -0.74 -24.21 5.38
C TRP A 153 -0.28 -25.61 5.69
N LYS A 154 -1.17 -26.49 6.11
CA LYS A 154 -0.68 -27.84 6.40
C LYS A 154 -1.01 -28.72 5.19
N ILE A 155 0.03 -29.39 4.73
CA ILE A 155 0.01 -30.23 3.55
C ILE A 155 0.40 -31.60 4.14
N ASP A 156 -0.60 -32.52 4.15
CA ASP A 156 -0.49 -33.84 4.80
C ASP A 156 -0.37 -33.76 6.30
N GLY A 157 -0.66 -32.58 6.86
CA GLY A 157 -0.54 -32.38 8.29
C GLY A 157 0.73 -31.59 8.53
N SER A 158 1.79 -31.87 7.77
CA SER A 158 3.06 -31.15 7.90
C SER A 158 2.89 -29.73 7.33
N GLU A 159 3.21 -28.73 8.16
CA GLU A 159 3.09 -27.33 7.83
C GLU A 159 4.07 -27.00 6.73
N ARG A 160 3.63 -26.15 5.83
CA ARG A 160 4.50 -25.59 4.80
C ARG A 160 4.67 -24.09 5.08
N GLN A 161 5.90 -23.62 4.84
CA GLN A 161 6.18 -22.22 5.08
C GLN A 161 6.56 -21.53 3.77
N ASN A 162 7.13 -22.28 2.83
CA ASN A 162 7.50 -21.62 1.61
C ASN A 162 6.69 -22.05 0.38
N GLY A 163 6.39 -21.06 -0.47
CA GLY A 163 5.56 -21.24 -1.66
C GLY A 163 4.36 -20.32 -1.43
N VAL A 164 4.38 -19.59 -0.31
CA VAL A 164 3.29 -18.75 0.13
C VAL A 164 3.28 -17.31 -0.48
N LEU A 165 2.16 -16.58 -0.28
CA LEU A 165 2.01 -15.26 -0.82
C LEU A 165 0.72 -14.72 -0.24
N ASN A 166 0.80 -13.74 0.65
CA ASN A 166 -0.42 -13.19 1.20
C ASN A 166 -0.64 -11.80 0.65
N SER A 167 -1.89 -11.36 0.68
CA SER A 167 -2.26 -10.05 0.21
C SER A 167 -3.55 -9.71 0.95
N TRP A 168 -3.61 -8.48 1.45
CA TRP A 168 -4.71 -7.98 2.23
C TRP A 168 -5.37 -6.83 1.42
N THR A 169 -6.54 -6.41 1.87
CA THR A 169 -7.28 -5.30 1.29
C THR A 169 -7.46 -4.41 2.48
N ASP A 170 -7.25 -3.11 2.37
CA ASP A 170 -7.41 -2.27 3.55
C ASP A 170 -8.90 -2.12 3.80
N GLN A 171 -9.26 -1.70 5.01
CA GLN A 171 -10.65 -1.61 5.42
C GLN A 171 -11.70 -1.33 4.35
N ASP A 172 -12.64 -2.24 4.16
CA ASP A 172 -13.76 -2.09 3.26
C ASP A 172 -14.71 -1.00 3.63
N SER A 173 -14.53 -0.05 2.75
CA SER A 173 -15.32 1.17 2.66
C SER A 173 -16.70 1.16 3.31
N LYS A 174 -17.42 0.05 2.99
CA LYS A 174 -18.81 0.00 3.42
C LYS A 174 -19.10 -1.07 4.44
N ASP A 175 -18.13 -1.91 4.90
CA ASP A 175 -18.47 -2.89 5.95
C ASP A 175 -17.32 -3.05 6.96
N SER A 176 -16.51 -2.00 7.03
CA SER A 176 -15.40 -1.88 7.98
C SER A 176 -14.49 -3.08 8.24
N THR A 177 -14.66 -4.17 7.51
CA THR A 177 -13.85 -5.36 7.71
C THR A 177 -12.67 -5.37 6.77
N TYR A 178 -11.85 -6.41 6.91
CA TYR A 178 -10.67 -6.67 6.09
C TYR A 178 -10.88 -8.02 5.36
N SER A 179 -9.95 -8.39 4.47
CA SER A 179 -9.94 -9.69 3.79
C SER A 179 -8.53 -10.03 3.31
N MET A 180 -8.24 -11.31 3.17
CA MET A 180 -6.91 -11.70 2.71
C MET A 180 -6.90 -13.06 2.02
N SER A 181 -6.03 -13.24 1.04
CA SER A 181 -5.94 -14.49 0.35
C SER A 181 -4.55 -15.04 0.62
N SER A 182 -4.39 -16.35 0.68
CA SER A 182 -3.09 -16.96 0.95
C SER A 182 -2.92 -17.92 -0.24
N THR A 183 -1.90 -17.68 -1.06
CA THR A 183 -1.69 -18.53 -2.21
C THR A 183 -0.45 -19.40 -2.26
N LEU A 184 -0.66 -20.65 -1.80
CA LEU A 184 0.38 -21.66 -1.71
C LEU A 184 0.39 -22.18 -3.14
N THR A 185 1.46 -21.85 -3.84
CA THR A 185 1.68 -22.32 -5.18
C THR A 185 2.84 -23.27 -5.17
N LEU A 186 2.64 -24.44 -5.77
CA LEU A 186 3.68 -25.49 -5.84
C LEU A 186 3.61 -26.23 -7.18
N THR A 187 4.67 -26.94 -7.54
CA THR A 187 4.66 -27.69 -8.81
C THR A 187 3.67 -28.86 -8.78
N LYS A 188 3.09 -29.15 -9.94
CA LYS A 188 2.16 -30.25 -10.04
C LYS A 188 2.73 -31.55 -9.48
N ASP A 189 4.03 -31.78 -9.66
CA ASP A 189 4.64 -33.01 -9.16
C ASP A 189 4.70 -32.91 -7.64
N GLU A 190 5.02 -31.73 -7.11
CA GLU A 190 5.09 -31.62 -5.67
C GLU A 190 3.65 -31.89 -5.19
N TYR A 191 2.70 -31.43 -6.00
CA TYR A 191 1.28 -31.53 -5.71
C TYR A 191 0.73 -32.96 -5.63
N GLU A 192 0.74 -33.67 -6.77
CA GLU A 192 0.23 -35.05 -6.78
C GLU A 192 1.14 -36.09 -6.10
N ARG A 193 2.12 -35.62 -5.33
CA ARG A 193 2.91 -36.50 -4.49
C ARG A 193 1.96 -36.80 -3.33
N HIS A 194 1.01 -35.89 -3.05
CA HIS A 194 0.15 -36.05 -1.86
C HIS A 194 -1.34 -35.73 -2.04
N ASN A 195 -2.12 -36.23 -1.10
CA ASN A 195 -3.56 -35.95 -0.92
C ASN A 195 -3.51 -34.95 0.24
N SER A 196 -4.68 -34.47 0.65
CA SER A 196 -4.83 -33.55 1.76
C SER A 196 -4.04 -32.23 1.89
N TYR A 197 -4.77 -31.14 1.62
CA TYR A 197 -4.23 -29.81 1.64
C TYR A 197 -5.17 -28.98 2.50
N THR A 198 -4.63 -28.37 3.56
CA THR A 198 -5.48 -27.58 4.44
C THR A 198 -4.97 -26.21 4.94
N CYS A 199 -5.91 -25.28 4.96
CA CYS A 199 -5.71 -23.89 5.30
C CYS A 199 -6.05 -23.74 6.81
N GLU A 200 -5.23 -22.97 7.53
CA GLU A 200 -5.41 -22.74 8.95
C GLU A 200 -5.43 -21.26 9.41
N ALA A 201 -6.56 -20.85 9.97
CA ALA A 201 -6.78 -19.47 10.39
C ALA A 201 -6.93 -19.21 11.88
N THR A 202 -5.87 -18.80 12.57
CA THR A 202 -6.03 -18.58 14.00
C THR A 202 -6.34 -17.08 14.12
N HIS A 203 -7.52 -16.75 14.65
CA HIS A 203 -7.94 -15.34 14.79
C HIS A 203 -8.53 -14.96 16.17
N LYS A 204 -8.35 -13.69 16.55
CA LYS A 204 -8.84 -13.16 17.84
C LYS A 204 -10.10 -13.88 18.22
N THR A 205 -11.09 -13.67 17.37
CA THR A 205 -12.47 -14.09 17.61
C THR A 205 -12.74 -15.61 17.72
N SER A 206 -11.71 -16.47 17.89
CA SER A 206 -12.06 -17.87 18.07
C SER A 206 -11.29 -18.85 18.90
N THR A 207 -12.09 -19.58 19.68
CA THR A 207 -11.63 -20.60 20.64
C THR A 207 -10.44 -21.39 20.03
N SER A 208 -10.70 -22.12 18.92
CA SER A 208 -9.70 -22.99 18.31
C SER A 208 -9.55 -22.52 16.85
N PRO A 209 -8.55 -23.04 16.13
CA PRO A 209 -8.37 -22.62 14.73
C PRO A 209 -9.60 -22.80 13.85
N ILE A 210 -9.51 -22.18 12.67
CA ILE A 210 -10.49 -22.28 11.61
C ILE A 210 -9.68 -23.01 10.57
N VAL A 211 -10.14 -24.19 10.23
CA VAL A 211 -9.40 -25.05 9.32
C VAL A 211 -10.29 -25.28 8.12
N LYS A 212 -9.69 -25.55 6.96
CA LYS A 212 -10.41 -25.84 5.73
C LYS A 212 -9.60 -26.77 4.86
N SER A 213 -10.24 -27.83 4.35
CA SER A 213 -9.49 -28.73 3.48
C SER A 213 -10.28 -29.47 2.41
N PHE A 214 -9.48 -29.98 1.46
CA PHE A 214 -9.93 -30.79 0.34
C PHE A 214 -8.86 -31.89 0.29
N ASN A 215 -9.23 -33.09 -0.14
CA ASN A 215 -8.26 -34.19 -0.19
C ASN A 215 -8.06 -34.52 -1.65
N ARG A 216 -6.90 -34.11 -2.19
CA ARG A 216 -6.52 -34.29 -3.59
C ARG A 216 -6.80 -35.68 -4.16
N GLN B 1 -3.90 28.09 -9.05
CA GLN B 1 -3.55 27.41 -7.77
C GLN B 1 -2.00 27.42 -7.71
N ILE B 2 -1.40 27.20 -6.53
CA ILE B 2 0.05 27.23 -6.43
C ILE B 2 0.59 25.83 -6.14
N GLN B 3 1.50 25.34 -6.98
CA GLN B 3 1.91 23.95 -6.86
C GLN B 3 3.27 23.61 -7.44
N LEU B 4 3.71 22.38 -7.21
CA LEU B 4 4.93 21.88 -7.80
C LEU B 4 4.28 20.84 -8.66
N VAL B 5 4.66 20.78 -9.94
CA VAL B 5 4.06 19.80 -10.84
C VAL B 5 5.15 18.84 -11.30
N GLN B 6 4.93 17.54 -11.10
CA GLN B 6 5.95 16.55 -11.38
C GLN B 6 5.69 15.72 -12.65
N SER B 7 6.72 15.06 -13.15
CA SER B 7 6.61 14.23 -14.32
C SER B 7 5.76 12.99 -14.16
N GLY B 8 5.50 12.31 -15.28
CA GLY B 8 4.75 11.08 -15.24
C GLY B 8 5.54 9.86 -14.81
N PRO B 9 4.85 8.75 -14.54
CA PRO B 9 5.38 7.45 -14.09
C PRO B 9 6.33 6.83 -15.10
N GLU B 10 7.48 6.37 -14.63
CA GLU B 10 8.52 5.76 -15.46
C GLU B 10 8.61 4.25 -15.21
N LEU B 11 8.93 3.50 -16.26
CA LEU B 11 9.14 2.07 -16.21
C LEU B 11 10.50 1.90 -16.85
N LYS B 12 11.50 1.49 -16.07
CA LYS B 12 12.88 1.44 -16.55
C LYS B 12 13.47 0.06 -16.21
N LYS B 13 14.46 -0.36 -16.95
CA LYS B 13 15.08 -1.64 -16.65
C LYS B 13 16.24 -1.20 -15.70
N PRO B 14 17.17 -2.13 -15.30
CA PRO B 14 18.27 -1.70 -14.44
C PRO B 14 19.25 -0.96 -15.30
N GLY B 15 20.21 -0.29 -14.64
CA GLY B 15 21.25 0.45 -15.33
C GLY B 15 20.78 1.50 -16.34
N GLU B 16 19.64 2.11 -16.09
CA GLU B 16 19.16 3.12 -16.99
C GLU B 16 19.30 4.45 -16.27
N THR B 17 18.54 5.45 -16.67
CA THR B 17 18.53 6.71 -15.98
C THR B 17 17.18 7.40 -16.03
N VAL B 18 16.84 8.09 -14.98
CA VAL B 18 15.55 8.73 -14.91
C VAL B 18 15.70 10.21 -14.49
N LYS B 19 15.00 11.13 -15.16
CA LYS B 19 15.06 12.53 -14.76
C LYS B 19 13.66 13.02 -14.48
N ILE B 20 13.37 13.18 -13.18
CA ILE B 20 12.06 13.59 -12.70
C ILE B 20 11.99 15.11 -12.72
N SER B 21 10.92 15.67 -13.26
CA SER B 21 10.78 17.11 -13.37
C SER B 21 9.89 17.68 -12.29
N CYS B 22 10.35 18.74 -11.64
CA CYS B 22 9.61 19.37 -10.55
C CYS B 22 9.41 20.83 -10.90
N LYS B 23 8.32 21.11 -11.62
CA LYS B 23 8.07 22.46 -12.10
C LYS B 23 7.17 23.29 -11.19
N ALA B 24 7.75 24.38 -10.67
CA ALA B 24 7.11 25.26 -9.72
C ALA B 24 6.40 26.37 -10.47
N SER B 25 5.32 26.88 -9.88
CA SER B 25 4.58 27.99 -10.44
C SER B 25 3.71 28.62 -9.38
N GLY B 26 3.50 29.92 -9.51
CA GLY B 26 2.62 30.63 -8.60
C GLY B 26 3.37 31.26 -7.45
N TYR B 27 4.55 30.74 -7.13
CA TYR B 27 5.31 31.28 -6.02
C TYR B 27 6.72 31.72 -6.42
N ALA B 28 7.31 32.58 -5.59
CA ALA B 28 8.65 33.13 -5.80
C ALA B 28 9.72 32.08 -5.63
N PHE B 29 10.05 31.46 -6.74
CA PHE B 29 10.98 30.35 -6.82
C PHE B 29 12.32 30.45 -6.10
N THR B 30 12.92 31.63 -6.10
CA THR B 30 14.24 31.76 -5.52
C THR B 30 14.23 31.66 -4.00
N ASN B 31 13.13 32.01 -3.35
CA ASN B 31 13.19 32.07 -1.90
C ASN B 31 12.54 30.96 -1.09
N TYR B 32 12.89 29.74 -1.48
CA TYR B 32 12.39 28.49 -0.87
C TYR B 32 13.38 27.46 -1.39
N GLY B 33 13.59 26.39 -0.64
CA GLY B 33 14.46 25.38 -1.17
C GLY B 33 13.53 24.38 -1.83
N VAL B 34 14.05 23.51 -2.67
CA VAL B 34 13.23 22.47 -3.20
C VAL B 34 13.84 21.23 -2.51
N ASN B 35 13.01 20.49 -1.78
CA ASN B 35 13.47 19.31 -1.05
C ASN B 35 12.96 18.12 -1.84
N TRP B 36 13.55 16.96 -1.59
CA TRP B 36 13.16 15.74 -2.28
C TRP B 36 12.92 14.60 -1.25
N VAL B 37 11.89 13.82 -1.50
CA VAL B 37 11.50 12.78 -0.58
C VAL B 37 11.22 11.43 -1.29
N LYS B 38 11.96 10.41 -0.87
CA LYS B 38 11.81 9.04 -1.39
C LYS B 38 10.87 8.28 -0.52
N GLU B 39 9.85 7.69 -1.14
CA GLU B 39 8.90 6.88 -0.41
C GLU B 39 9.07 5.51 -1.05
N ALA B 40 9.28 4.47 -0.22
CA ALA B 40 9.53 3.14 -0.71
C ALA B 40 8.53 2.20 -0.02
N PRO B 41 8.15 1.13 -0.74
CA PRO B 41 7.14 0.21 -0.18
C PRO B 41 7.49 -0.27 1.24
N GLY B 42 6.70 0.11 2.21
CA GLY B 42 6.91 -0.42 3.54
C GLY B 42 7.97 0.43 4.21
N LYS B 43 9.01 0.76 3.44
CA LYS B 43 10.08 1.58 3.97
C LYS B 43 9.48 2.98 4.40
N GLU B 44 10.28 3.74 5.14
CA GLU B 44 9.88 5.05 5.64
C GLU B 44 9.90 6.13 4.54
N LEU B 45 9.35 7.31 4.88
CA LEU B 45 9.43 8.51 4.04
C LEU B 45 10.87 8.93 4.41
N LYS B 46 11.75 9.00 3.42
CA LYS B 46 13.13 9.30 3.68
C LYS B 46 13.59 10.55 2.94
N TRP B 47 13.93 11.60 3.72
CA TRP B 47 14.38 12.88 3.17
C TRP B 47 15.69 12.64 2.40
N MET B 48 15.70 12.99 1.12
CA MET B 48 16.83 12.62 0.30
C MET B 48 17.90 13.66 0.21
N GLY B 49 17.49 14.92 0.24
CA GLY B 49 18.45 16.01 0.06
C GLY B 49 17.75 17.34 -0.11
N TRP B 50 18.48 18.33 -0.60
CA TRP B 50 17.86 19.64 -0.77
C TRP B 50 18.51 20.41 -1.90
N ILE B 51 17.77 21.38 -2.41
CA ILE B 51 18.33 22.23 -3.44
C ILE B 51 17.98 23.68 -3.13
N ASN B 52 19.04 24.51 -3.14
CA ASN B 52 18.99 25.92 -2.77
C ASN B 52 18.85 26.74 -4.03
N ILE B 53 17.72 27.46 -4.15
CA ILE B 53 17.51 28.26 -5.35
C ILE B 53 18.44 29.46 -5.31
N TYR B 54 18.56 30.11 -4.15
CA TYR B 54 19.45 31.27 -3.90
C TYR B 54 20.79 31.12 -4.63
N THR B 55 21.54 30.16 -4.12
CA THR B 55 22.93 29.92 -4.49
C THR B 55 23.17 28.80 -5.47
N GLY B 56 22.15 28.01 -5.78
CA GLY B 56 22.32 26.86 -6.66
C GLY B 56 22.72 25.53 -6.07
N GLU B 57 23.89 25.47 -5.42
CA GLU B 57 24.49 24.23 -4.91
C GLU B 57 23.45 23.32 -4.24
N PRO B 58 23.72 22.01 -4.20
CA PRO B 58 22.77 21.11 -3.57
C PRO B 58 23.34 20.24 -2.43
N THR B 59 22.54 20.00 -1.39
CA THR B 59 22.96 19.17 -0.27
C THR B 59 22.31 17.76 -0.33
N TYR B 60 23.13 16.73 -0.28
CA TYR B 60 22.68 15.34 -0.33
C TYR B 60 22.82 14.65 1.00
N VAL B 61 21.84 13.83 1.33
CA VAL B 61 21.96 13.08 2.56
C VAL B 61 22.74 11.89 2.06
N ASP B 62 23.74 11.48 2.83
CA ASP B 62 24.60 10.31 2.56
C ASP B 62 24.08 9.19 1.66
N ASP B 63 22.89 8.70 1.99
CA ASP B 63 22.27 7.61 1.26
C ASP B 63 22.15 7.87 -0.24
N PHE B 64 21.87 9.11 -0.60
CA PHE B 64 21.66 9.42 -1.99
C PHE B 64 22.81 10.16 -2.66
N LYS B 65 24.02 9.88 -2.14
CA LYS B 65 25.25 10.51 -2.64
C LYS B 65 25.55 10.06 -4.08
N GLY B 66 26.05 10.99 -4.87
CA GLY B 66 26.55 10.67 -6.20
C GLY B 66 25.69 10.11 -7.34
N ARG B 67 24.94 9.02 -7.15
CA ARG B 67 24.16 8.44 -8.27
C ARG B 67 22.92 9.34 -8.49
N PHE B 68 22.51 10.01 -7.43
CA PHE B 68 21.34 10.84 -7.49
C PHE B 68 21.92 12.25 -7.69
N ALA B 69 21.44 12.97 -8.69
CA ALA B 69 21.93 14.28 -8.97
C ALA B 69 20.80 15.31 -9.04
N PHE B 70 20.99 16.42 -8.33
CA PHE B 70 19.95 17.42 -8.16
C PHE B 70 20.34 18.48 -9.21
N SER B 71 19.52 18.61 -10.24
CA SER B 71 19.73 19.58 -11.30
C SER B 71 18.83 20.74 -11.02
N LEU B 72 18.80 21.70 -11.94
CA LEU B 72 18.00 22.92 -11.76
C LEU B 72 18.05 23.78 -13.02
N GLU B 73 16.93 24.32 -13.50
CA GLU B 73 16.95 25.19 -14.66
C GLU B 73 15.99 26.34 -14.37
N THR B 74 16.55 27.28 -13.61
CA THR B 74 15.83 28.38 -13.04
C THR B 74 14.98 29.30 -13.89
N SER B 75 15.49 29.72 -15.04
CA SER B 75 14.71 30.60 -15.94
C SER B 75 13.34 29.97 -16.05
N ALA B 76 13.40 28.66 -16.33
CA ALA B 76 12.25 27.79 -16.49
C ALA B 76 11.58 27.27 -15.21
N SER B 77 11.99 27.75 -14.06
CA SER B 77 11.42 27.29 -12.81
C SER B 77 11.36 25.80 -12.50
N THR B 78 11.96 24.96 -13.34
CA THR B 78 11.94 23.54 -13.06
C THR B 78 13.16 23.08 -12.25
N ALA B 79 12.92 22.11 -11.36
CA ALA B 79 13.95 21.46 -10.54
C ALA B 79 14.01 20.05 -11.08
N TYR B 80 15.17 19.37 -10.92
CA TYR B 80 15.32 17.98 -11.43
C TYR B 80 16.05 17.06 -10.46
N LEU B 81 15.68 15.79 -10.48
CA LEU B 81 16.33 14.76 -9.68
C LEU B 81 16.63 13.76 -10.77
N GLU B 82 17.85 13.26 -10.81
CA GLU B 82 18.19 12.26 -11.80
C GLU B 82 18.86 11.13 -11.07
N ILE B 83 18.47 9.92 -11.44
CA ILE B 83 19.07 8.71 -10.87
C ILE B 83 19.70 8.10 -12.09
N ASN B 84 20.94 7.62 -11.96
CA ASN B 84 21.59 6.97 -13.08
C ASN B 84 21.82 5.54 -12.62
N ASN B 85 22.01 4.61 -13.56
CA ASN B 85 22.23 3.20 -13.22
C ASN B 85 21.21 2.74 -12.19
N LEU B 86 19.94 2.86 -12.56
CA LEU B 86 18.87 2.42 -11.70
C LEU B 86 19.06 0.98 -11.18
N LYS B 87 19.26 0.83 -9.87
CA LYS B 87 19.24 -0.52 -9.30
C LYS B 87 17.75 -0.88 -9.14
N ASN B 88 17.43 -2.16 -9.00
CA ASN B 88 16.04 -2.61 -8.77
C ASN B 88 15.47 -2.08 -7.47
N GLU B 89 16.36 -1.57 -6.61
CA GLU B 89 15.95 -1.03 -5.33
C GLU B 89 15.45 0.40 -5.32
N ASP B 90 15.46 1.08 -6.49
CA ASP B 90 15.01 2.46 -6.62
C ASP B 90 13.51 2.62 -6.87
N THR B 91 12.82 1.48 -6.97
CA THR B 91 11.38 1.46 -7.21
C THR B 91 10.72 2.13 -6.02
N ALA B 92 10.18 3.30 -6.26
CA ALA B 92 9.56 4.07 -5.22
C ALA B 92 8.80 5.22 -5.85
N THR B 93 8.30 6.12 -5.02
CA THR B 93 7.58 7.29 -5.49
C THR B 93 8.39 8.44 -4.94
N TYR B 94 8.75 9.37 -5.81
CA TYR B 94 9.55 10.53 -5.46
C TYR B 94 8.75 11.81 -5.38
N PHE B 95 8.83 12.49 -4.25
CA PHE B 95 8.11 13.74 -4.03
C PHE B 95 9.12 14.87 -4.04
N CYS B 96 8.71 16.05 -4.51
CA CYS B 96 9.53 17.24 -4.46
C CYS B 96 8.65 18.17 -3.68
N THR B 97 9.24 18.84 -2.68
CA THR B 97 8.52 19.73 -1.77
C THR B 97 9.20 21.05 -1.70
N ARG B 98 8.40 22.07 -1.39
CA ARG B 98 8.82 23.44 -1.23
C ARG B 98 9.24 23.61 0.19
N GLY B 99 10.54 23.76 0.38
CA GLY B 99 11.09 23.89 1.70
C GLY B 99 11.19 25.35 2.10
N ASP B 100 10.76 25.66 3.33
CA ASP B 100 10.74 27.00 3.91
C ASP B 100 11.93 27.35 4.83
N TYR B 101 12.74 28.38 4.49
CA TYR B 101 13.90 28.83 5.31
C TYR B 101 13.67 29.31 6.75
N VAL B 102 12.45 29.67 7.14
CA VAL B 102 12.21 30.12 8.51
C VAL B 102 11.73 29.07 9.52
N ASN B 103 10.60 28.41 9.21
CA ASN B 103 10.07 27.34 10.07
C ASN B 103 10.47 25.95 9.60
N TRP B 104 11.32 25.93 8.60
CA TRP B 104 11.88 24.69 8.10
C TRP B 104 10.89 23.55 7.85
N TYR B 105 9.65 23.87 7.49
CA TYR B 105 8.72 22.80 7.17
C TYR B 105 8.65 22.60 5.68
N PHE B 106 7.94 21.59 5.20
CA PHE B 106 7.76 21.34 3.76
C PHE B 106 6.26 21.54 3.58
N ASP B 107 5.81 22.68 3.03
CA ASP B 107 4.37 22.92 2.88
C ASP B 107 3.62 22.60 1.56
N VAL B 108 4.27 22.71 0.40
CA VAL B 108 3.65 22.38 -0.89
C VAL B 108 4.38 21.17 -1.45
N TRP B 109 3.69 20.04 -1.45
CA TRP B 109 4.24 18.77 -1.98
C TRP B 109 3.76 18.53 -3.39
N GLY B 110 4.62 17.91 -4.19
CA GLY B 110 4.26 17.55 -5.53
C GLY B 110 3.43 16.29 -5.53
N ALA B 111 2.77 16.01 -6.64
CA ALA B 111 1.92 14.87 -6.71
C ALA B 111 2.64 13.55 -6.63
N GLY B 112 3.94 13.55 -6.83
CA GLY B 112 4.66 12.31 -6.78
C GLY B 112 4.89 11.73 -8.14
N THR B 113 5.94 10.92 -8.28
CA THR B 113 6.30 10.29 -9.53
C THR B 113 6.89 8.97 -9.14
N THR B 114 6.34 7.90 -9.68
CA THR B 114 6.74 6.53 -9.39
C THR B 114 7.76 5.95 -10.34
N VAL B 115 8.84 5.41 -9.82
CA VAL B 115 9.80 4.78 -10.69
C VAL B 115 9.54 3.34 -10.37
N THR B 116 9.42 2.52 -11.41
CA THR B 116 9.30 1.08 -11.31
C THR B 116 10.44 0.53 -12.15
N VAL B 117 11.30 -0.26 -11.50
CA VAL B 117 12.48 -0.79 -12.14
C VAL B 117 12.26 -2.29 -12.20
N SER B 118 12.42 -2.87 -13.38
CA SER B 118 12.24 -4.31 -13.60
C SER B 118 12.78 -4.84 -14.94
N SER B 119 13.34 -6.05 -14.94
CA SER B 119 13.82 -6.64 -16.20
C SER B 119 12.79 -7.56 -16.86
N ALA B 120 11.53 -7.47 -16.43
CA ALA B 120 10.45 -8.26 -16.99
C ALA B 120 9.92 -7.62 -18.28
N LYS B 121 9.53 -8.46 -19.26
CA LYS B 121 8.95 -7.94 -20.51
C LYS B 121 7.44 -8.15 -20.43
N THR B 122 6.72 -7.27 -21.12
CA THR B 122 5.26 -7.31 -21.17
C THR B 122 4.79 -8.75 -21.36
N THR B 123 3.85 -9.15 -20.51
CA THR B 123 3.31 -10.49 -20.52
C THR B 123 1.83 -10.46 -20.21
N PRO B 124 1.02 -11.31 -20.85
CA PRO B 124 -0.42 -11.38 -20.60
C PRO B 124 -0.63 -12.28 -19.40
N PRO B 125 -1.71 -12.09 -18.65
CA PRO B 125 -1.88 -12.97 -17.51
C PRO B 125 -2.55 -14.27 -17.93
N SER B 126 -2.61 -15.22 -16.98
CA SER B 126 -3.35 -16.44 -17.16
C SER B 126 -4.52 -16.44 -16.18
N VAL B 127 -5.71 -16.27 -16.70
CA VAL B 127 -6.92 -16.17 -15.89
C VAL B 127 -7.45 -17.54 -15.51
N TYR B 128 -7.11 -18.06 -14.32
CA TYR B 128 -7.64 -19.37 -13.92
C TYR B 128 -8.93 -19.12 -13.14
N PRO B 129 -9.89 -20.05 -13.23
CA PRO B 129 -11.13 -19.88 -12.47
C PRO B 129 -10.88 -20.70 -11.24
N LEU B 130 -11.58 -20.39 -10.16
CA LEU B 130 -11.48 -21.18 -8.96
C LEU B 130 -12.88 -21.41 -8.44
N ALA B 131 -13.43 -22.60 -8.71
CA ALA B 131 -14.79 -23.02 -8.34
C ALA B 131 -14.52 -23.93 -7.12
N PRO B 132 -15.44 -23.94 -6.14
CA PRO B 132 -15.35 -24.69 -4.87
C PRO B 132 -14.72 -26.07 -4.71
N GLY B 133 -14.77 -27.01 -5.60
CA GLY B 133 -14.33 -28.35 -5.29
C GLY B 133 -15.36 -28.97 -4.35
N SER B 134 -16.65 -28.51 -4.45
CA SER B 134 -17.79 -28.92 -3.60
C SER B 134 -17.95 -28.50 -2.07
N ALA B 135 -17.85 -27.23 -1.64
CA ALA B 135 -18.24 -26.92 -0.26
C ALA B 135 -19.76 -26.57 -0.15
N ALA B 136 -20.33 -26.63 1.03
CA ALA B 136 -21.75 -26.30 1.24
C ALA B 136 -22.10 -24.81 1.51
N GLN B 137 -23.39 -24.52 1.65
CA GLN B 137 -23.79 -23.16 2.01
C GLN B 137 -23.15 -22.98 3.37
N THR B 138 -22.37 -21.93 3.51
CA THR B 138 -21.82 -21.62 4.83
C THR B 138 -23.09 -21.30 5.63
N ASN B 139 -23.85 -20.33 5.09
CA ASN B 139 -25.23 -20.05 5.49
C ASN B 139 -25.73 -19.41 4.19
N SER B 140 -26.34 -20.31 3.37
CA SER B 140 -26.92 -19.91 2.08
C SER B 140 -26.09 -19.01 1.14
N MET B 141 -24.77 -19.17 1.16
CA MET B 141 -23.90 -18.29 0.33
C MET B 141 -22.76 -19.02 -0.39
N VAL B 142 -22.37 -18.59 -1.59
CA VAL B 142 -21.24 -19.23 -2.27
C VAL B 142 -20.28 -18.12 -2.66
N THR B 143 -19.02 -18.50 -2.76
CA THR B 143 -17.92 -17.61 -3.10
C THR B 143 -17.09 -18.29 -4.21
N LEU B 144 -16.91 -17.61 -5.34
CA LEU B 144 -16.11 -18.17 -6.44
C LEU B 144 -14.96 -17.18 -6.50
N GLY B 145 -14.01 -17.37 -7.40
CA GLY B 145 -12.96 -16.39 -7.54
C GLY B 145 -12.04 -16.72 -8.67
N CYS B 146 -11.45 -15.69 -9.28
CA CYS B 146 -10.52 -15.89 -10.37
C CYS B 146 -9.12 -15.59 -9.91
N LEU B 147 -8.15 -16.21 -10.53
CA LEU B 147 -6.78 -16.03 -10.17
C LEU B 147 -6.03 -15.61 -11.42
N VAL B 148 -5.75 -14.29 -11.48
CA VAL B 148 -5.06 -13.63 -12.59
C VAL B 148 -3.59 -13.79 -12.18
N LYS B 149 -2.87 -14.69 -12.83
CA LYS B 149 -1.51 -14.98 -12.45
C LYS B 149 -0.49 -14.78 -13.55
N GLY B 150 0.69 -14.31 -13.19
CA GLY B 150 1.81 -14.18 -14.13
C GLY B 150 2.04 -12.95 -15.01
N TYR B 151 1.39 -11.81 -14.74
CA TYR B 151 1.51 -10.66 -15.63
C TYR B 151 2.57 -9.56 -15.37
N PHE B 152 2.71 -8.68 -16.38
CA PHE B 152 3.59 -7.56 -16.33
C PHE B 152 3.33 -6.63 -17.49
N PRO B 153 3.16 -5.33 -17.23
CA PRO B 153 3.23 -4.63 -15.93
C PRO B 153 1.87 -4.49 -15.26
N GLU B 154 1.81 -3.77 -14.18
CA GLU B 154 0.56 -3.51 -13.49
C GLU B 154 -0.06 -2.43 -14.33
N PRO B 155 -1.38 -2.31 -14.35
CA PRO B 155 -2.36 -3.04 -13.55
C PRO B 155 -3.21 -3.96 -14.44
N VAL B 156 -4.10 -4.66 -13.78
CA VAL B 156 -4.99 -5.55 -14.44
C VAL B 156 -6.30 -5.06 -13.87
N THR B 157 -7.38 -5.21 -14.60
CA THR B 157 -8.68 -4.79 -14.11
C THR B 157 -9.49 -6.09 -14.07
N VAL B 158 -10.21 -6.33 -12.98
CA VAL B 158 -11.07 -7.52 -12.87
C VAL B 158 -12.48 -7.10 -12.52
N THR B 159 -13.45 -7.51 -13.35
CA THR B 159 -14.85 -7.23 -13.07
C THR B 159 -15.58 -8.54 -13.16
N TRP B 160 -16.65 -8.69 -12.39
CA TRP B 160 -17.45 -9.88 -12.47
C TRP B 160 -18.69 -9.52 -13.26
N ASN B 161 -19.08 -10.40 -14.19
CA ASN B 161 -20.29 -10.15 -15.00
C ASN B 161 -20.22 -8.74 -15.57
N SER B 162 -19.05 -8.32 -16.01
CA SER B 162 -18.93 -7.01 -16.61
C SER B 162 -19.48 -5.78 -15.83
N GLY B 163 -19.24 -5.76 -14.50
CA GLY B 163 -19.60 -4.61 -13.71
C GLY B 163 -20.83 -4.89 -12.86
N SER B 164 -21.68 -5.77 -13.34
CA SER B 164 -22.86 -6.13 -12.60
C SER B 164 -22.61 -6.58 -11.18
N LEU B 165 -21.55 -7.31 -10.90
CA LEU B 165 -21.31 -7.72 -9.54
C LEU B 165 -20.24 -6.85 -8.82
N SER B 166 -20.70 -5.97 -7.91
CA SER B 166 -19.79 -5.15 -7.10
C SER B 166 -19.62 -5.73 -5.74
N SER B 167 -20.67 -5.79 -4.93
CA SER B 167 -20.60 -6.33 -3.56
C SER B 167 -20.11 -7.80 -3.51
N GLY B 168 -19.29 -8.10 -2.52
CA GLY B 168 -18.78 -9.44 -2.37
C GLY B 168 -17.50 -9.55 -3.13
N VAL B 169 -17.24 -8.58 -4.01
CA VAL B 169 -16.01 -8.57 -4.79
C VAL B 169 -14.90 -8.00 -3.93
N HIS B 170 -13.80 -8.76 -3.85
CA HIS B 170 -12.63 -8.35 -3.11
C HIS B 170 -11.42 -8.56 -3.94
N THR B 171 -11.03 -7.57 -4.71
CA THR B 171 -9.87 -7.77 -5.56
C THR B 171 -8.65 -7.54 -4.68
N PHE B 172 -7.84 -8.58 -4.51
CA PHE B 172 -6.65 -8.46 -3.69
C PHE B 172 -5.52 -7.86 -4.48
N PRO B 173 -4.70 -7.02 -3.83
CA PRO B 173 -3.52 -6.36 -4.40
C PRO B 173 -2.43 -7.30 -4.96
N ALA B 174 -1.99 -6.95 -6.18
CA ALA B 174 -0.97 -7.71 -6.93
C ALA B 174 0.26 -7.89 -6.11
N VAL B 175 0.76 -9.11 -6.14
CA VAL B 175 1.92 -9.49 -5.37
C VAL B 175 2.87 -10.07 -6.40
N LEU B 176 4.12 -10.28 -6.02
CA LEU B 176 5.17 -10.68 -6.94
C LEU B 176 5.74 -12.08 -6.83
N GLN B 177 6.03 -12.65 -7.98
CA GLN B 177 6.61 -13.97 -8.11
C GLN B 177 7.60 -13.86 -9.29
N SER B 178 8.89 -13.87 -9.01
CA SER B 178 9.88 -13.86 -10.08
C SER B 178 9.60 -12.78 -11.11
N ASP B 179 9.62 -11.52 -10.68
CA ASP B 179 9.38 -10.40 -11.60
C ASP B 179 7.95 -10.20 -12.08
N LEU B 180 7.15 -11.27 -12.04
CA LEU B 180 5.78 -11.17 -12.52
C LEU B 180 4.71 -11.04 -11.45
N TYR B 181 3.57 -10.49 -11.84
CA TYR B 181 2.46 -10.25 -10.93
C TYR B 181 1.42 -11.38 -10.88
N THR B 182 0.90 -11.61 -9.67
CA THR B 182 -0.13 -12.58 -9.42
C THR B 182 -1.15 -11.91 -8.50
N LEU B 183 -2.41 -11.96 -8.88
CA LEU B 183 -3.47 -11.27 -8.16
C LEU B 183 -4.79 -12.05 -8.29
N SER B 184 -5.68 -11.92 -7.31
CA SER B 184 -6.91 -12.65 -7.27
C SER B 184 -8.11 -11.81 -6.82
N SER B 185 -9.31 -12.29 -7.13
CA SER B 185 -10.52 -11.57 -6.84
C SER B 185 -11.51 -12.64 -6.41
N SER B 186 -12.46 -12.26 -5.56
CA SER B 186 -13.44 -13.22 -5.11
C SER B 186 -14.75 -12.53 -5.12
N VAL B 187 -15.80 -13.26 -5.50
CA VAL B 187 -17.13 -12.71 -5.50
C VAL B 187 -17.93 -13.71 -4.71
N THR B 188 -18.91 -13.18 -4.00
CA THR B 188 -19.75 -13.98 -3.16
C THR B 188 -21.17 -13.65 -3.61
N VAL B 189 -21.92 -14.71 -3.84
CA VAL B 189 -23.29 -14.62 -4.27
C VAL B 189 -24.11 -15.60 -3.44
N PRO B 190 -25.43 -15.46 -3.49
CA PRO B 190 -26.39 -16.33 -2.82
C PRO B 190 -26.37 -17.69 -3.50
N SER B 191 -26.66 -18.77 -2.78
CA SER B 191 -26.69 -20.10 -3.43
C SER B 191 -27.63 -20.19 -4.63
N SER B 192 -28.67 -19.35 -4.66
CA SER B 192 -29.62 -19.41 -5.74
C SER B 192 -28.94 -19.06 -7.10
N PRO B 193 -28.21 -17.93 -7.17
CA PRO B 193 -27.55 -17.64 -8.44
C PRO B 193 -26.72 -18.74 -9.03
N ARG B 194 -25.65 -19.23 -8.38
CA ARG B 194 -24.82 -20.27 -9.00
C ARG B 194 -25.23 -21.71 -8.56
N PRO B 195 -25.41 -22.65 -9.52
CA PRO B 195 -25.28 -22.43 -10.97
C PRO B 195 -26.54 -22.13 -11.76
N SER B 196 -27.65 -21.84 -11.11
CA SER B 196 -28.89 -21.52 -11.83
C SER B 196 -28.50 -20.47 -12.90
N GLU B 197 -27.63 -19.55 -12.47
CA GLU B 197 -27.30 -18.35 -13.23
C GLU B 197 -25.76 -18.27 -13.32
N THR B 198 -25.27 -17.66 -14.40
CA THR B 198 -23.87 -17.55 -14.69
C THR B 198 -23.06 -16.45 -13.97
N VAL B 199 -21.92 -16.83 -13.38
CA VAL B 199 -20.97 -15.84 -12.85
C VAL B 199 -19.66 -16.01 -13.68
N THR B 200 -19.06 -14.85 -14.02
CA THR B 200 -17.84 -14.76 -14.87
C THR B 200 -16.94 -13.58 -14.43
N CYS B 201 -15.63 -13.70 -14.64
CA CYS B 201 -14.73 -12.58 -14.36
C CYS B 201 -14.06 -12.11 -15.62
N ASN B 202 -14.01 -10.81 -15.79
CA ASN B 202 -13.51 -10.18 -16.98
C ASN B 202 -12.18 -9.56 -16.58
N VAL B 203 -11.09 -10.16 -17.05
CA VAL B 203 -9.73 -9.74 -16.76
C VAL B 203 -9.08 -9.02 -17.94
N ALA B 204 -8.80 -7.75 -17.78
CA ALA B 204 -8.28 -6.94 -18.85
C ALA B 204 -6.90 -6.48 -18.42
N HIS B 205 -5.95 -6.55 -19.34
CA HIS B 205 -4.57 -6.18 -19.12
C HIS B 205 -4.30 -5.19 -20.24
N PRO B 206 -4.52 -3.88 -19.98
CA PRO B 206 -4.31 -2.85 -21.00
C PRO B 206 -2.89 -2.85 -21.52
N ALA B 207 -1.92 -3.06 -20.61
CA ALA B 207 -0.53 -3.13 -21.02
C ALA B 207 -0.24 -3.98 -22.23
N SER B 208 -0.99 -5.07 -22.40
CA SER B 208 -0.82 -5.93 -23.56
C SER B 208 -2.10 -6.09 -24.40
N SER B 209 -3.09 -5.22 -24.19
CA SER B 209 -4.32 -5.21 -24.98
C SER B 209 -4.97 -6.61 -25.06
N THR B 210 -5.24 -7.17 -23.88
CA THR B 210 -5.82 -8.49 -23.73
C THR B 210 -6.97 -8.39 -22.72
N LYS B 211 -8.12 -8.93 -23.08
CA LYS B 211 -9.26 -9.04 -22.20
C LYS B 211 -9.59 -10.53 -22.19
N VAL B 212 -9.76 -11.11 -21.01
CA VAL B 212 -10.08 -12.52 -20.92
C VAL B 212 -11.30 -12.73 -20.06
N ASP B 213 -12.18 -13.61 -20.50
CA ASP B 213 -13.39 -13.93 -19.76
C ASP B 213 -13.44 -15.43 -19.44
N LYS B 214 -13.28 -15.80 -18.18
CA LYS B 214 -13.33 -17.18 -17.81
C LYS B 214 -14.59 -17.37 -17.04
N LYS B 215 -15.52 -18.21 -17.57
CA LYS B 215 -16.83 -18.46 -16.95
C LYS B 215 -16.61 -19.58 -15.91
N ILE B 216 -17.01 -19.30 -14.68
CA ILE B 216 -16.80 -20.21 -13.55
C ILE B 216 -17.83 -21.29 -13.78
N VAL B 217 -17.34 -22.51 -14.09
CA VAL B 217 -18.21 -23.67 -14.34
C VAL B 217 -18.05 -24.59 -13.10
N PRO B 218 -19.15 -25.24 -12.66
CA PRO B 218 -19.01 -26.01 -11.44
C PRO B 218 -18.12 -27.19 -11.19
N ARG B 219 -17.88 -27.28 -9.87
CA ARG B 219 -17.13 -28.26 -9.10
C ARG B 219 -17.29 -27.57 -7.68
C1 S5H C . 19.28 23.89 8.74
C2 S5H C . 19.99 23.65 10.12
C3 S5H C . 19.22 22.74 11.11
O3 S5H C . 20.05 22.33 12.21
C4 S5H C . 18.70 21.49 10.33
C5 S5H C . 17.68 21.95 9.30
C6 S5H C . 16.89 20.82 8.73
C7 S5H C . 15.82 21.32 7.77
C8 S5H C . 16.34 22.30 6.68
C9 S5H C . 17.25 23.39 7.30
C10 S5H C . 18.37 22.73 8.15
C11 S5H C . 17.73 24.35 6.22
C12 S5H C . 16.59 24.87 5.31
C13 S5H C . 15.57 23.76 4.91
C14 S5H C . 15.16 23.02 6.09
C15 S5H C . 13.93 22.24 5.65
C16 S5H C . 13.32 23.11 4.52
C17 S5H C . 14.29 24.28 4.26
C18 S5H C . 16.30 22.81 3.96
C19 S5H C . 19.20 21.77 7.27
C20 S5H C . 14.46 24.63 2.81
O20 S5H C . 14.67 23.78 1.96
C21 S5H C . 14.40 26.04 2.38
CH1 S5H C . 21.19 22.79 12.44
OH1 S5H C . 21.38 23.97 12.82
CH2 S5H C . 22.41 21.88 12.35
CH3 S5H C . 22.57 21.03 13.58
CH4 S5H C . 21.50 19.95 13.61
OH4 S5H C . 21.03 19.61 12.49
OH5 S5H C . 21.15 19.46 14.74
#